data_7PYB
#
_entry.id   7PYB
#
_cell.length_a   50.279
_cell.length_b   69.229
_cell.length_c   117.781
_cell.angle_alpha   90.000
_cell.angle_beta   90.000
_cell.angle_gamma   90.000
#
_symmetry.space_group_name_H-M   'I 2 2 2'
#
loop_
_entity.id
_entity.type
_entity.pdbx_description
1 polymer 'Cholinephosphate cytidylyltransferase'
2 non-polymer Guanidinium
3 non-polymer 1~{H}-pyridin-2-one
4 water water
#
_entity_poly.entity_id   1
_entity_poly.type   'polypeptide(L)'
_entity_poly.pdbx_seq_one_letter_code
;GHMAVPDDDDDDDNSNDESEYESSQMDSEKNKGSIKNSKNVVIYADGVYDMLHLGHMKQLEQAKKLFENTTLIVGVTSDN
ETKLFKGQVVQTLEERTETLKHIRWVDEIISPCPWVVTPEFLEKYKIDYVAHDDIPYANNQKEDIYAWLKRAGKFKATQR
TEGVSTTDLIVRILKNYEDY
;
_entity_poly.pdbx_strand_id   A
#
# COMPACT_ATOMS: atom_id res chain seq x y z
N SER A 38 -23.32 1.11 -6.03
CA SER A 38 -24.29 0.04 -6.22
C SER A 38 -23.63 -1.35 -6.22
N LYS A 39 -22.95 -1.69 -7.31
CA LYS A 39 -22.22 -2.95 -7.37
C LYS A 39 -20.86 -2.85 -6.68
N ASN A 40 -20.42 -3.96 -6.09
CA ASN A 40 -19.15 -3.98 -5.39
C ASN A 40 -17.97 -3.93 -6.34
N VAL A 41 -17.11 -2.94 -6.15
CA VAL A 41 -15.89 -2.77 -6.93
C VAL A 41 -14.72 -3.28 -6.12
N VAL A 42 -13.92 -4.18 -6.71
CA VAL A 42 -12.75 -4.73 -6.03
C VAL A 42 -11.54 -3.89 -6.39
N ILE A 43 -10.91 -3.33 -5.37
CA ILE A 43 -9.76 -2.44 -5.47
C ILE A 43 -8.56 -3.14 -4.86
N TYR A 44 -7.42 -3.03 -5.52
CA TYR A 44 -6.18 -3.64 -5.08
C TYR A 44 -5.14 -2.56 -4.88
N ALA A 45 -4.57 -2.49 -3.68
CA ALA A 45 -3.43 -1.63 -3.40
C ALA A 45 -2.30 -2.49 -2.88
N ASP A 46 -1.10 -2.29 -3.39
CA ASP A 46 0.02 -3.09 -2.92
C ASP A 46 1.14 -2.16 -2.47
N GLY A 47 2.03 -2.71 -1.67
CA GLY A 47 3.07 -1.89 -1.09
C GLY A 47 3.86 -2.68 -0.09
N VAL A 48 4.85 -2.00 0.49
CA VAL A 48 5.66 -2.60 1.53
C VAL A 48 4.96 -2.48 2.88
N TYR A 49 4.37 -1.32 3.15
CA TYR A 49 3.74 -1.01 4.44
C TYR A 49 4.67 -1.27 5.62
N ASP A 50 5.94 -0.85 5.50
CA ASP A 50 6.88 -0.92 6.63
C ASP A 50 6.60 0.21 7.60
N MET A 51 6.59 -0.10 8.90
CA MET A 51 6.33 0.91 9.94
C MET A 51 5.14 1.80 9.55
N LEU A 52 3.98 1.16 9.42
CA LEU A 52 2.78 1.84 8.95
C LEU A 52 2.56 3.17 9.67
N HIS A 53 2.32 4.23 8.90
CA HIS A 53 2.05 5.55 9.46
C HIS A 53 0.81 6.19 8.80
N LEU A 54 0.40 7.33 9.37
CA LEU A 54 -0.73 8.09 8.86
C LEU A 54 -0.69 8.23 7.34
N GLY A 55 0.50 8.30 6.76
CA GLY A 55 0.59 8.39 5.30
C GLY A 55 0.03 7.18 4.57
N HIS A 56 0.44 5.97 4.99
CA HIS A 56 -0.15 4.76 4.40
C HIS A 56 -1.64 4.76 4.62
N MET A 57 -2.04 5.18 5.83
CA MET A 57 -3.40 5.08 6.29
C MET A 57 -4.33 5.94 5.44
N LYS A 58 -3.89 7.17 5.13
CA LYS A 58 -4.69 8.03 4.25
C LYS A 58 -4.75 7.47 2.84
N GLN A 59 -3.64 6.88 2.35
CA GLN A 59 -3.66 6.18 1.06
C GLN A 59 -4.71 5.09 1.04
N LEU A 60 -4.69 4.21 2.04
CA LEU A 60 -5.66 3.12 2.06
C LEU A 60 -7.07 3.67 2.11
N GLU A 61 -7.28 4.69 2.95
CA GLU A 61 -8.59 5.31 3.02
C GLU A 61 -9.01 5.81 1.65
N GLN A 62 -8.07 6.39 0.91
CA GLN A 62 -8.47 6.95 -0.37
C GLN A 62 -8.85 5.84 -1.33
N ALA A 63 -8.03 4.79 -1.40
CA ALA A 63 -8.37 3.64 -2.22
C ALA A 63 -9.76 3.11 -1.85
N LYS A 64 -10.01 2.90 -0.55
CA LYS A 64 -11.26 2.27 -0.15
C LYS A 64 -12.48 3.09 -0.57
N LYS A 65 -12.35 4.42 -0.64
CA LYS A 65 -13.46 5.31 -0.91
C LYS A 65 -13.50 5.78 -2.37
N LEU A 66 -12.86 5.06 -3.27
CA LEU A 66 -12.91 5.45 -4.68
C LEU A 66 -14.32 5.30 -5.24
N PHE A 67 -15.04 4.27 -4.80
CA PHE A 67 -16.43 4.03 -5.18
C PHE A 67 -17.25 3.86 -3.91
N GLU A 68 -18.58 3.82 -4.09
CA GLU A 68 -19.47 3.75 -2.94
C GLU A 68 -19.36 2.41 -2.23
N ASN A 69 -19.33 1.32 -2.99
CA ASN A 69 -19.25 -0.03 -2.45
C ASN A 69 -18.00 -0.66 -3.03
N THR A 70 -17.00 -0.88 -2.17
CA THR A 70 -15.72 -1.43 -2.56
C THR A 70 -15.32 -2.59 -1.64
N THR A 71 -14.52 -3.49 -2.19
CA THR A 71 -13.67 -4.37 -1.40
C THR A 71 -12.24 -3.94 -1.67
N LEU A 72 -11.52 -3.50 -0.62
CA LEU A 72 -10.09 -3.14 -0.72
C LEU A 72 -9.26 -4.36 -0.35
N ILE A 73 -8.51 -4.87 -1.34
CA ILE A 73 -7.47 -5.89 -1.12
C ILE A 73 -6.13 -5.16 -1.03
N VAL A 74 -5.36 -5.49 0.00
CA VAL A 74 -4.04 -4.93 0.20
C VAL A 74 -3.02 -6.04 0.00
N GLY A 75 -2.02 -5.79 -0.84
CA GLY A 75 -0.95 -6.74 -1.05
C GLY A 75 0.29 -6.23 -0.34
N VAL A 76 0.96 -7.14 0.36
CA VAL A 76 2.15 -6.83 1.15
C VAL A 76 3.34 -7.59 0.55
N THR A 77 4.39 -6.83 0.18
CA THR A 77 5.53 -7.41 -0.54
C THR A 77 6.40 -8.24 0.39
N SER A 78 6.97 -9.34 -0.15
CA SER A 78 7.79 -10.25 0.63
C SER A 78 9.07 -9.57 1.13
N ASP A 79 9.67 -10.13 2.18
CA ASP A 79 10.94 -9.60 2.66
C ASP A 79 12.02 -9.72 1.61
N ASN A 80 12.18 -10.91 1.02
CA ASN A 80 13.18 -11.14 -0.01
C ASN A 80 13.10 -10.08 -1.09
N GLU A 81 11.99 -10.04 -1.81
CA GLU A 81 11.91 -9.19 -2.98
C GLU A 81 12.06 -7.72 -2.61
N THR A 82 11.57 -7.32 -1.43
CA THR A 82 11.72 -5.92 -1.03
C THR A 82 13.19 -5.56 -0.82
N LYS A 83 13.96 -6.41 -0.12
CA LYS A 83 15.39 -6.13 0.02
C LYS A 83 16.07 -6.05 -1.34
N LEU A 84 15.76 -7.01 -2.23
CA LEU A 84 16.43 -7.12 -3.51
C LEU A 84 16.23 -5.86 -4.36
N PHE A 85 14.96 -5.50 -4.62
CA PHE A 85 14.65 -4.42 -5.57
C PHE A 85 14.47 -3.04 -4.93
N LYS A 86 14.11 -2.94 -3.67
CA LYS A 86 13.72 -1.66 -3.07
C LYS A 86 14.75 -1.12 -2.10
N GLY A 87 15.07 -1.86 -1.04
CA GLY A 87 15.92 -1.34 -0.01
C GLY A 87 15.60 -2.00 1.32
N GLN A 88 16.16 -1.41 2.37
CA GLN A 88 16.01 -1.99 3.73
C GLN A 88 14.56 -1.98 4.20
N VAL A 89 14.17 -3.06 4.87
CA VAL A 89 12.84 -3.17 5.45
C VAL A 89 13.02 -3.50 6.93
N VAL A 90 12.35 -2.73 7.78
CA VAL A 90 12.55 -2.90 9.22
C VAL A 90 11.76 -4.09 9.74
N GLN A 91 10.49 -4.19 9.36
CA GLN A 91 9.60 -5.18 9.92
C GLN A 91 9.49 -6.37 8.98
N THR A 92 9.26 -7.53 9.58
CA THR A 92 9.08 -8.75 8.80
C THR A 92 7.71 -8.73 8.10
N LEU A 93 7.51 -9.70 7.20
CA LEU A 93 6.25 -9.84 6.49
C LEU A 93 5.09 -10.05 7.47
N GLU A 94 5.28 -10.92 8.46
CA GLU A 94 4.21 -11.17 9.43
C GLU A 94 3.87 -9.93 10.24
N GLU A 95 4.89 -9.14 10.60
CA GLU A 95 4.66 -7.92 11.38
C GLU A 95 3.94 -6.86 10.55
N ARG A 96 4.38 -6.67 9.30
CA ARG A 96 3.74 -5.68 8.44
C ARG A 96 2.30 -6.08 8.14
N THR A 97 2.05 -7.38 7.92
CA THR A 97 0.71 -7.86 7.61
C THR A 97 -0.20 -7.77 8.84
N GLU A 98 0.32 -8.17 10.00
CA GLU A 98 -0.46 -8.10 11.24
C GLU A 98 -0.92 -6.68 11.53
N THR A 99 -0.04 -5.70 11.34
CA THR A 99 -0.45 -4.33 11.60
C THR A 99 -1.58 -3.92 10.66
N LEU A 100 -1.46 -4.25 9.38
CA LEU A 100 -2.45 -3.86 8.39
C LEU A 100 -3.82 -4.42 8.73
N LYS A 101 -3.86 -5.58 9.39
CA LYS A 101 -5.14 -6.16 9.75
C LYS A 101 -5.95 -5.30 10.72
N HIS A 102 -5.32 -4.39 11.45
CA HIS A 102 -6.05 -3.51 12.35
C HIS A 102 -6.53 -2.22 11.68
N ILE A 103 -6.41 -2.08 10.37
CA ILE A 103 -6.77 -0.82 9.71
C ILE A 103 -8.18 -0.96 9.15
N ARG A 104 -9.02 0.05 9.40
CA ARG A 104 -10.45 0.01 9.09
C ARG A 104 -10.74 -0.20 7.61
N TRP A 105 -9.90 0.37 6.73
CA TRP A 105 -10.24 0.34 5.31
C TRP A 105 -9.92 -0.99 4.64
N VAL A 106 -9.16 -1.85 5.30
CA VAL A 106 -8.63 -3.07 4.68
C VAL A 106 -9.68 -4.17 4.81
N ASP A 107 -10.11 -4.72 3.68
CA ASP A 107 -11.06 -5.82 3.67
C ASP A 107 -10.42 -7.17 3.43
N GLU A 108 -9.40 -7.26 2.59
CA GLU A 108 -8.64 -8.49 2.45
C GLU A 108 -7.18 -8.16 2.23
N ILE A 109 -6.32 -9.10 2.62
CA ILE A 109 -4.87 -8.94 2.51
C ILE A 109 -4.32 -10.15 1.76
N ILE A 110 -3.48 -9.89 0.76
CA ILE A 110 -2.72 -10.91 0.05
C ILE A 110 -1.27 -10.76 0.50
N SER A 111 -0.78 -11.77 1.24
CA SER A 111 0.51 -11.65 1.90
C SER A 111 1.23 -13.00 1.93
N PRO A 112 2.39 -13.13 1.26
CA PRO A 112 3.02 -12.08 0.45
C PRO A 112 2.27 -11.90 -0.87
N CYS A 113 2.48 -10.77 -1.53
CA CYS A 113 1.89 -10.50 -2.82
C CYS A 113 2.98 -10.52 -3.90
N PRO A 114 2.62 -10.79 -5.15
CA PRO A 114 3.61 -10.70 -6.22
C PRO A 114 4.28 -9.33 -6.20
N TRP A 115 5.55 -9.31 -6.61
CA TRP A 115 6.24 -8.03 -6.72
C TRP A 115 5.74 -7.21 -7.90
N VAL A 116 5.44 -7.86 -9.03
CA VAL A 116 4.92 -7.20 -10.21
C VAL A 116 3.50 -7.68 -10.46
N VAL A 117 2.59 -6.72 -10.66
CA VAL A 117 1.20 -7.01 -10.97
C VAL A 117 1.05 -7.42 -12.42
N THR A 118 0.27 -8.47 -12.66
CA THR A 118 0.05 -9.03 -13.99
C THR A 118 -1.43 -9.11 -14.32
N PRO A 119 -1.80 -9.08 -15.60
CA PRO A 119 -3.21 -9.23 -15.96
C PRO A 119 -3.82 -10.53 -15.46
N GLU A 120 -3.03 -11.60 -15.39
CA GLU A 120 -3.56 -12.83 -14.82
C GLU A 120 -3.84 -12.68 -13.33
N PHE A 121 -2.98 -11.94 -12.61
CA PHE A 121 -3.24 -11.69 -11.19
C PHE A 121 -4.58 -10.98 -11.01
N LEU A 122 -4.85 -9.94 -11.82
CA LEU A 122 -6.13 -9.24 -11.77
C LEU A 122 -7.31 -10.18 -12.00
N GLU A 123 -7.16 -11.14 -12.91
CA GLU A 123 -8.25 -12.06 -13.21
C GLU A 123 -8.45 -13.06 -12.07
N LYS A 124 -7.36 -13.57 -11.52
CA LYS A 124 -7.45 -14.59 -10.48
C LYS A 124 -8.22 -14.07 -9.27
N TYR A 125 -8.13 -12.77 -8.97
CA TYR A 125 -8.75 -12.18 -7.79
C TYR A 125 -9.93 -11.26 -8.12
N LYS A 126 -10.38 -11.24 -9.37
CA LYS A 126 -11.52 -10.42 -9.77
C LYS A 126 -11.33 -8.97 -9.34
N ILE A 127 -10.13 -8.44 -9.61
CA ILE A 127 -9.82 -7.05 -9.29
C ILE A 127 -10.30 -6.15 -10.41
N ASP A 128 -10.99 -5.07 -10.05
CA ASP A 128 -11.42 -4.12 -11.06
C ASP A 128 -10.42 -2.98 -11.23
N TYR A 129 -9.78 -2.53 -10.15
CA TYR A 129 -8.86 -1.40 -10.24
C TYR A 129 -7.66 -1.62 -9.32
N VAL A 130 -6.51 -1.15 -9.79
CA VAL A 130 -5.31 -1.10 -8.99
C VAL A 130 -5.13 0.34 -8.55
N ALA A 131 -4.94 0.55 -7.25
CA ALA A 131 -4.79 1.88 -6.67
C ALA A 131 -3.37 2.04 -6.15
N HIS A 132 -2.64 3.01 -6.68
CA HIS A 132 -1.25 3.24 -6.32
C HIS A 132 -0.97 4.73 -6.48
N ASP A 133 0.21 5.14 -6.97
CA ASP A 133 0.39 6.57 -7.23
C ASP A 133 1.50 6.79 -8.25
N ASP A 134 1.65 8.05 -8.64
CA ASP A 134 2.57 8.47 -9.69
C ASP A 134 3.81 9.17 -9.13
N ASP A 144 7.16 3.77 -17.55
CA ASP A 144 6.05 3.68 -16.60
C ASP A 144 5.53 2.26 -16.53
N ILE A 145 5.58 1.68 -15.32
CA ILE A 145 5.16 0.30 -15.11
C ILE A 145 3.65 0.15 -14.92
N TYR A 146 2.93 1.26 -14.79
CA TYR A 146 1.47 1.25 -14.73
C TYR A 146 0.82 1.60 -16.07
N ALA A 147 1.62 1.79 -17.13
CA ALA A 147 1.07 2.15 -18.44
C ALA A 147 0.02 1.15 -18.89
N TRP A 148 0.31 -0.14 -18.76
CA TRP A 148 -0.64 -1.14 -19.23
C TRP A 148 -1.92 -1.13 -18.42
N LEU A 149 -1.86 -0.74 -17.14
CA LEU A 149 -3.09 -0.64 -16.35
C LEU A 149 -3.88 0.59 -16.76
N LYS A 150 -3.18 1.70 -16.99
CA LYS A 150 -3.87 2.90 -17.46
C LYS A 150 -4.56 2.63 -18.79
N ARG A 151 -3.89 1.89 -19.69
CA ARG A 151 -4.47 1.55 -20.99
C ARG A 151 -5.76 0.77 -20.82
N ALA A 152 -5.77 -0.15 -19.86
CA ALA A 152 -6.91 -1.01 -19.63
C ALA A 152 -8.02 -0.31 -18.85
N GLY A 153 -7.86 0.95 -18.48
CA GLY A 153 -8.86 1.61 -17.64
C GLY A 153 -8.92 1.08 -16.21
N LYS A 154 -7.83 0.51 -15.70
CA LYS A 154 -7.84 -0.17 -14.41
C LYS A 154 -6.92 0.48 -13.38
N PHE A 155 -6.43 1.68 -13.65
CA PHE A 155 -5.55 2.40 -12.73
C PHE A 155 -6.28 3.55 -12.07
N LYS A 156 -6.16 3.65 -10.74
CA LYS A 156 -6.67 4.77 -9.96
C LYS A 156 -5.53 5.30 -9.11
N ALA A 157 -5.22 6.58 -9.26
CA ALA A 157 -4.12 7.14 -8.49
C ALA A 157 -4.59 7.56 -7.10
N THR A 158 -3.64 7.54 -6.15
CA THR A 158 -3.84 8.02 -4.80
C THR A 158 -2.58 8.77 -4.37
N GLN A 159 -2.75 9.66 -3.39
CA GLN A 159 -1.72 10.63 -3.05
C GLN A 159 -0.93 10.18 -1.84
N ARG A 160 0.38 10.42 -1.88
CA ARG A 160 1.19 10.41 -0.67
C ARG A 160 1.04 11.75 0.03
N THR A 161 1.01 11.70 1.36
CA THR A 161 1.09 12.90 2.20
C THR A 161 2.39 12.81 2.99
N GLU A 162 3.26 13.81 2.85
CA GLU A 162 4.57 13.77 3.50
C GLU A 162 4.48 14.36 4.90
N GLY A 163 5.58 14.24 5.65
CA GLY A 163 5.69 14.81 6.98
C GLY A 163 5.22 13.90 8.10
N VAL A 164 4.40 12.90 7.80
CA VAL A 164 3.83 12.04 8.82
C VAL A 164 4.65 10.78 9.07
N SER A 165 5.81 10.66 8.45
CA SER A 165 6.56 9.40 8.52
C SER A 165 6.94 9.04 9.94
N THR A 166 7.00 7.73 10.20
CA THR A 166 7.55 7.26 11.46
C THR A 166 8.97 7.77 11.66
N THR A 167 9.83 7.62 10.65
CA THR A 167 11.18 8.19 10.73
C THR A 167 11.13 9.69 11.00
N ASP A 168 10.19 10.41 10.39
CA ASP A 168 10.06 11.84 10.63
C ASP A 168 9.79 12.14 12.10
N LEU A 169 9.04 11.26 12.79
CA LEU A 169 8.74 11.48 14.20
C LEU A 169 9.97 11.28 15.08
N ILE A 170 10.87 10.38 14.71
CA ILE A 170 12.12 10.25 15.45
C ILE A 170 12.94 11.52 15.31
N VAL A 171 13.01 12.06 14.09
CA VAL A 171 13.67 13.34 13.88
C VAL A 171 13.11 14.38 14.84
N ARG A 172 11.80 14.33 15.08
CA ARG A 172 11.21 15.26 16.04
C ARG A 172 11.72 14.99 17.45
N ILE A 173 11.82 13.72 17.84
CA ILE A 173 12.26 13.40 19.19
C ILE A 173 13.69 13.89 19.40
N LEU A 174 14.51 13.86 18.34
CA LEU A 174 15.92 14.19 18.48
C LEU A 174 16.13 15.70 18.57
N LYS A 175 15.44 16.47 17.72
CA LYS A 175 15.50 17.93 17.78
C LYS A 175 14.92 18.45 19.09
N ASN A 176 14.95 17.61 20.12
CA ASN A 176 14.70 18.00 21.51
C ASN A 176 16.00 18.21 22.26
N TYR A 177 17.13 17.97 21.59
CA TYR A 177 18.46 18.14 22.16
C TYR A 177 19.21 19.05 21.20
N GLU A 178 19.33 20.34 21.56
CA GLU A 178 20.06 21.28 20.73
C GLU A 178 21.44 20.71 20.46
N ASP A 179 22.13 21.25 19.45
CA ASP A 179 23.47 20.75 19.16
C ASP A 179 24.44 21.06 20.30
N TYR A 180 24.20 22.11 21.09
CA TYR A 180 25.12 22.47 22.19
C TYR A 180 24.37 22.85 23.48
#